data_2O67
#
_entry.id   2O67
#
_cell.length_a   92.594
_cell.length_b   66.726
_cell.length_c   61.489
_cell.angle_alpha   90.00
_cell.angle_beta   118.41
_cell.angle_gamma   90.00
#
_symmetry.space_group_name_H-M   'C 1 2 1'
#
loop_
_entity.id
_entity.type
_entity.pdbx_description
1 polymer 'PII protein'
2 non-polymer 'MALONATE ION'
3 water water
#
_entity_poly.entity_id   1
_entity_poly.type   'polypeptide(L)'
_entity_poly.pdbx_seq_one_letter_code
;MQISSDYIPDSKFYKVEAIVRPWRIQQVSSALLKIGIRGVTVSDVRGFGAQGGSTERHGGSEFSEDKFVAKVKMEIVVKK
DQVESVINTIIEGARTGEIGDGKIFVLPVSDVIRVRTGERGEKAEKMTGDMLSPS
;
_entity_poly.pdbx_strand_id   A,B,C
#
# COMPACT_ATOMS: atom_id res chain seq x y z
N SER A 4 -17.61 -14.70 -2.20
CA SER A 4 -18.43 -13.72 -2.99
C SER A 4 -17.57 -12.95 -3.98
N SER A 5 -18.19 -12.41 -5.03
CA SER A 5 -17.49 -11.57 -6.01
C SER A 5 -17.86 -10.09 -5.84
N ASP A 6 -18.99 -9.84 -5.19
CA ASP A 6 -19.41 -8.48 -4.87
C ASP A 6 -18.67 -8.00 -3.61
N TYR A 7 -17.43 -7.57 -3.79
CA TYR A 7 -16.58 -7.15 -2.69
C TYR A 7 -17.04 -5.84 -2.07
N ILE A 8 -17.06 -5.80 -0.74
CA ILE A 8 -17.28 -4.58 0.03
C ILE A 8 -15.91 -4.08 0.50
N PRO A 9 -15.55 -2.81 0.22
CA PRO A 9 -16.27 -1.77 -0.54
C PRO A 9 -16.35 -2.05 -2.03
N ASP A 10 -17.45 -1.65 -2.64
CA ASP A 10 -17.65 -1.78 -4.08
C ASP A 10 -16.83 -0.74 -4.82
N SER A 11 -16.11 -1.19 -5.86
CA SER A 11 -15.24 -0.30 -6.63
C SER A 11 -15.10 -0.76 -8.08
N LYS A 12 -14.69 0.16 -8.96
CA LYS A 12 -14.41 -0.16 -10.36
C LYS A 12 -13.10 -0.94 -10.50
N PHE A 13 -12.07 -0.47 -9.78
CA PHE A 13 -10.78 -1.13 -9.75
C PHE A 13 -10.49 -1.62 -8.35
N TYR A 14 -9.56 -2.57 -8.25
CA TYR A 14 -9.07 -3.06 -6.98
C TYR A 14 -7.58 -3.28 -7.08
N LYS A 15 -6.86 -2.96 -6.01
CA LYS A 15 -5.46 -3.33 -5.90
C LYS A 15 -5.33 -4.70 -5.28
N VAL A 16 -4.52 -5.55 -5.90
CA VAL A 16 -4.17 -6.84 -5.32
C VAL A 16 -2.72 -6.79 -4.87
N GLU A 17 -2.52 -7.03 -3.58
CA GLU A 17 -1.22 -6.93 -2.93
C GLU A 17 -0.86 -8.31 -2.45
N ALA A 18 0.24 -8.86 -2.95
CA ALA A 18 0.69 -10.18 -2.52
C ALA A 18 2.03 -10.12 -1.80
N ILE A 19 2.05 -10.54 -0.53
CA ILE A 19 3.30 -10.66 0.20
C ILE A 19 3.76 -12.11 0.13
N VAL A 20 4.76 -12.36 -0.71
CA VAL A 20 5.17 -13.73 -1.03
C VAL A 20 6.69 -13.90 -0.89
N ARG A 21 7.16 -15.13 -1.04
CA ARG A 21 8.59 -15.47 -0.97
C ARG A 21 9.35 -14.83 -2.13
N PRO A 22 10.51 -14.20 -1.85
CA PRO A 22 11.33 -13.52 -2.86
C PRO A 22 11.67 -14.35 -4.10
N TRP A 23 11.89 -15.65 -3.93
CA TRP A 23 12.29 -16.52 -5.05
C TRP A 23 11.11 -16.98 -5.92
N ARG A 24 9.91 -16.54 -5.56
CA ARG A 24 8.70 -16.83 -6.35
C ARG A 24 8.25 -15.65 -7.22
N ILE A 25 9.10 -14.63 -7.36
CA ILE A 25 8.79 -13.44 -8.16
C ILE A 25 8.49 -13.81 -9.62
N GLN A 26 9.45 -14.46 -10.27
CA GLN A 26 9.33 -14.83 -11.68
C GLN A 26 8.11 -15.71 -11.97
N GLN A 27 7.86 -16.69 -11.09
CA GLN A 27 6.72 -17.61 -11.25
C GLN A 27 5.37 -16.92 -11.18
N VAL A 28 5.21 -15.98 -10.26
CA VAL A 28 3.98 -15.20 -10.16
C VAL A 28 3.85 -14.25 -11.36
N SER A 29 4.97 -13.66 -11.76
CA SER A 29 5.01 -12.74 -12.89
C SER A 29 4.61 -13.44 -14.19
N SER A 30 5.16 -14.63 -14.41
CA SER A 30 4.90 -15.42 -15.61
C SER A 30 3.49 -16.02 -15.65
N ALA A 31 3.01 -16.48 -14.50
CA ALA A 31 1.66 -17.05 -14.42
C ALA A 31 0.59 -16.00 -14.75
N LEU A 32 0.79 -14.78 -14.26
CA LEU A 32 -0.06 -13.63 -14.59
C LEU A 32 0.07 -13.22 -16.06
N LEU A 33 1.27 -13.38 -16.61
CA LEU A 33 1.55 -13.10 -18.01
C LEU A 33 0.75 -14.04 -18.92
N LYS A 34 0.56 -15.28 -18.47
CA LYS A 34 -0.16 -16.29 -19.25
C LYS A 34 -1.66 -16.04 -19.30
N ILE A 35 -2.18 -15.30 -18.32
CA ILE A 35 -3.56 -14.84 -18.37
C ILE A 35 -3.70 -13.40 -18.89
N GLY A 36 -2.60 -12.85 -19.40
CA GLY A 36 -2.63 -11.59 -20.11
C GLY A 36 -2.52 -10.35 -19.25
N ILE A 37 -1.96 -10.49 -18.05
CA ILE A 37 -1.80 -9.37 -17.11
C ILE A 37 -0.31 -8.96 -16.96
N ARG A 38 -0.01 -7.71 -17.26
CA ARG A 38 1.28 -7.09 -16.91
C ARG A 38 1.07 -5.83 -16.06
N GLY A 39 2.15 -5.13 -15.74
CA GLY A 39 2.09 -3.95 -14.89
C GLY A 39 2.28 -4.25 -13.41
N VAL A 40 2.74 -5.47 -13.12
CA VAL A 40 3.10 -5.88 -11.77
C VAL A 40 4.30 -5.05 -11.32
N THR A 41 4.21 -4.52 -10.10
CA THR A 41 5.38 -3.87 -9.48
C THR A 41 5.70 -4.58 -8.16
N VAL A 42 6.98 -4.76 -7.91
CA VAL A 42 7.45 -5.45 -6.72
C VAL A 42 8.34 -4.58 -5.85
N SER A 43 8.25 -4.76 -4.54
CA SER A 43 9.17 -4.11 -3.61
C SER A 43 9.58 -5.06 -2.49
N ASP A 44 10.73 -4.78 -1.88
CA ASP A 44 11.23 -5.58 -0.77
C ASP A 44 10.58 -5.17 0.52
N VAL A 45 10.09 -6.16 1.26
CA VAL A 45 9.52 -5.93 2.58
C VAL A 45 10.23 -6.86 3.59
N ARG A 46 10.12 -6.51 4.87
CA ARG A 46 10.72 -7.33 5.91
C ARG A 46 9.63 -7.69 6.91
N GLY A 47 9.51 -8.98 7.19
CA GLY A 47 8.54 -9.46 8.16
C GLY A 47 9.21 -9.70 9.49
N PHE A 48 8.79 -8.94 10.49
CA PHE A 48 9.13 -9.24 11.88
C PHE A 48 7.93 -9.99 12.41
N GLY A 49 6.94 -10.13 11.51
CA GLY A 49 5.82 -11.05 11.65
C GLY A 49 5.42 -11.62 10.29
N GLU A 65 17.31 -9.52 19.15
CA GLU A 65 18.00 -8.91 18.01
C GLU A 65 17.03 -8.40 16.93
N ASP A 66 17.61 -7.87 15.85
CA ASP A 66 16.83 -7.26 14.77
C ASP A 66 16.51 -8.31 13.69
N LYS A 67 15.78 -9.36 14.07
CA LYS A 67 15.58 -10.54 13.21
C LYS A 67 14.29 -10.49 12.37
N PHE A 68 14.44 -10.68 11.06
CA PHE A 68 13.30 -10.62 10.13
C PHE A 68 13.32 -11.68 9.04
N VAL A 69 12.16 -11.90 8.43
CA VAL A 69 12.06 -12.71 7.22
C VAL A 69 11.89 -11.81 5.99
N ALA A 70 12.75 -12.01 5.00
CA ALA A 70 12.68 -11.26 3.74
C ALA A 70 11.52 -11.77 2.88
N LYS A 71 10.65 -10.85 2.47
CA LYS A 71 9.53 -11.13 1.60
C LYS A 71 9.50 -10.07 0.49
N VAL A 72 8.71 -10.31 -0.55
CA VAL A 72 8.46 -9.27 -1.55
C VAL A 72 6.97 -8.98 -1.65
N LYS A 73 6.64 -7.70 -1.73
CA LYS A 73 5.28 -7.25 -1.96
C LYS A 73 5.09 -7.12 -3.46
N MET A 74 4.07 -7.79 -3.98
CA MET A 74 3.76 -7.71 -5.41
C MET A 74 2.43 -7.00 -5.60
N GLU A 75 2.45 -5.94 -6.40
CA GLU A 75 1.30 -5.06 -6.54
C GLU A 75 0.80 -4.96 -7.97
N ILE A 76 -0.50 -5.17 -8.15
CA ILE A 76 -1.15 -5.00 -9.43
C ILE A 76 -2.54 -4.41 -9.23
N VAL A 77 -2.93 -3.49 -10.11
CA VAL A 77 -4.27 -2.90 -10.09
C VAL A 77 -5.05 -3.34 -11.32
N VAL A 78 -6.23 -3.89 -11.09
CA VAL A 78 -7.02 -4.51 -12.15
C VAL A 78 -8.48 -4.09 -11.97
N LYS A 79 -9.31 -4.37 -12.99
CA LYS A 79 -10.75 -4.18 -12.91
C LYS A 79 -11.35 -5.22 -11.98
N LYS A 80 -12.55 -4.95 -11.46
CA LYS A 80 -13.22 -5.83 -10.52
C LYS A 80 -13.42 -7.25 -11.06
N ASP A 81 -13.66 -7.37 -12.36
CA ASP A 81 -13.92 -8.68 -12.99
C ASP A 81 -12.64 -9.52 -13.20
N GLN A 82 -11.48 -8.94 -12.94
CA GLN A 82 -10.20 -9.62 -13.09
C GLN A 82 -9.65 -10.16 -11.77
N VAL A 83 -10.29 -9.78 -10.66
CA VAL A 83 -9.77 -10.01 -9.32
C VAL A 83 -9.58 -11.49 -8.98
N GLU A 84 -10.61 -12.29 -9.26
CA GLU A 84 -10.57 -13.72 -8.95
C GLU A 84 -9.50 -14.47 -9.74
N SER A 85 -9.33 -14.10 -11.02
CA SER A 85 -8.31 -14.69 -11.85
C SER A 85 -6.93 -14.32 -11.37
N VAL A 86 -6.75 -13.07 -10.95
CA VAL A 86 -5.47 -12.59 -10.41
C VAL A 86 -5.13 -13.31 -9.10
N ILE A 87 -6.09 -13.38 -8.17
CA ILE A 87 -5.88 -14.07 -6.89
C ILE A 87 -5.39 -15.49 -7.11
N ASN A 88 -6.14 -16.26 -7.91
CA ASN A 88 -5.83 -17.68 -8.15
C ASN A 88 -4.50 -17.89 -8.86
N THR A 89 -4.16 -16.97 -9.75
CA THR A 89 -2.89 -17.03 -10.50
C THR A 89 -1.67 -16.69 -9.63
N ILE A 90 -1.87 -15.83 -8.63
CA ILE A 90 -0.80 -15.52 -7.67
C ILE A 90 -0.56 -16.71 -6.75
N ILE A 91 -1.65 -17.31 -6.25
CA ILE A 91 -1.56 -18.55 -5.46
C ILE A 91 -0.76 -19.61 -6.22
N GLU A 92 -1.13 -19.84 -7.49
CA GLU A 92 -0.45 -20.79 -8.37
C GLU A 92 1.05 -20.50 -8.53
N GLY A 93 1.38 -19.22 -8.70
CA GLY A 93 2.78 -18.81 -8.83
C GLY A 93 3.56 -18.83 -7.54
N ALA A 94 2.87 -18.68 -6.42
CA ALA A 94 3.52 -18.43 -5.13
C ALA A 94 3.47 -19.58 -4.10
N ARG A 95 2.50 -20.48 -4.26
CA ARG A 95 2.31 -21.58 -3.32
C ARG A 95 3.44 -22.62 -3.40
N THR A 96 4.01 -22.95 -2.25
CA THR A 96 4.93 -24.08 -2.11
C THR A 96 4.29 -25.13 -1.22
N GLY A 97 3.35 -24.71 -0.39
CA GLY A 97 2.65 -25.58 0.53
C GLY A 97 3.17 -25.50 1.96
N GLU A 98 4.29 -24.81 2.15
CA GLU A 98 4.91 -24.67 3.46
C GLU A 98 4.59 -23.31 4.11
N ILE A 99 4.57 -23.30 5.45
CA ILE A 99 4.45 -22.10 6.25
C ILE A 99 5.42 -21.02 5.72
N GLY A 100 4.89 -19.83 5.46
CA GLY A 100 5.69 -18.71 4.96
C GLY A 100 5.45 -18.38 3.51
N ASP A 101 4.38 -18.92 2.94
CA ASP A 101 3.98 -18.66 1.55
C ASP A 101 3.49 -17.22 1.35
N GLY A 102 2.86 -16.66 2.38
CA GLY A 102 2.44 -15.26 2.37
C GLY A 102 0.93 -15.04 2.40
N LYS A 103 0.54 -13.81 2.10
CA LYS A 103 -0.86 -13.42 2.07
C LYS A 103 -1.17 -12.57 0.84
N ILE A 104 -2.45 -12.51 0.48
CA ILE A 104 -2.92 -11.63 -0.57
C ILE A 104 -3.97 -10.70 0.02
N PHE A 105 -3.83 -9.41 -0.23
CA PHE A 105 -4.81 -8.43 0.21
C PHE A 105 -5.46 -7.80 -1.00
N VAL A 106 -6.77 -7.62 -0.93
CA VAL A 106 -7.54 -6.98 -1.99
C VAL A 106 -8.09 -5.65 -1.46
N LEU A 107 -7.69 -4.56 -2.11
CA LEU A 107 -8.05 -3.21 -1.68
C LEU A 107 -8.77 -2.46 -2.79
N PRO A 108 -9.86 -1.71 -2.45
CA PRO A 108 -10.54 -0.88 -3.45
C PRO A 108 -9.68 0.25 -4.02
N VAL A 109 -9.75 0.42 -5.34
CA VAL A 109 -9.11 1.52 -6.03
C VAL A 109 -10.15 2.34 -6.77
N SER A 110 -10.24 3.63 -6.46
CA SER A 110 -11.23 4.53 -7.05
C SER A 110 -10.97 4.87 -8.51
N ASP A 111 -9.71 5.10 -8.85
CA ASP A 111 -9.38 5.51 -10.21
C ASP A 111 -7.94 5.18 -10.55
N VAL A 112 -7.68 5.02 -11.84
CA VAL A 112 -6.37 4.72 -12.39
C VAL A 112 -6.10 5.71 -13.53
N ILE A 113 -4.91 6.29 -13.55
CA ILE A 113 -4.58 7.34 -14.51
C ILE A 113 -3.21 7.05 -15.09
N ARG A 114 -3.12 7.02 -16.42
CA ARG A 114 -1.85 6.82 -17.11
C ARG A 114 -1.11 8.16 -17.23
N VAL A 115 0.10 8.21 -16.69
CA VAL A 115 0.86 9.46 -16.66
C VAL A 115 1.06 10.04 -18.07
N ARG A 116 1.59 9.21 -18.98
CA ARG A 116 1.95 9.64 -20.33
C ARG A 116 0.79 10.23 -21.16
N THR A 117 -0.44 9.78 -20.90
CA THR A 117 -1.58 10.17 -21.73
C THR A 117 -2.69 10.92 -20.99
N GLY A 118 -2.82 10.68 -19.68
CA GLY A 118 -3.88 11.31 -18.88
C GLY A 118 -5.18 10.52 -18.90
N GLU A 119 -5.14 9.34 -19.51
CA GLU A 119 -6.33 8.51 -19.65
C GLU A 119 -6.71 7.90 -18.30
N ARG A 120 -8.00 7.97 -17.98
CA ARG A 120 -8.53 7.53 -16.70
C ARG A 120 -9.57 6.44 -16.93
N GLY A 121 -10.06 5.85 -15.85
CA GLY A 121 -11.04 4.76 -15.93
C GLY A 121 -10.48 3.60 -16.72
N GLU A 122 -11.31 3.01 -17.58
CA GLU A 122 -10.86 1.89 -18.42
C GLU A 122 -9.94 2.32 -19.56
N LYS A 123 -10.08 3.58 -19.99
CA LYS A 123 -9.20 4.15 -21.02
C LYS A 123 -7.80 4.40 -20.46
N TYR B 7 -16.27 3.62 10.47
CA TYR B 7 -15.36 4.08 9.37
C TYR B 7 -16.04 4.08 8.01
N ILE B 8 -15.67 5.05 7.18
CA ILE B 8 -16.14 5.18 5.81
C ILE B 8 -14.94 5.13 4.86
N PRO B 9 -14.95 4.23 3.86
CA PRO B 9 -16.00 3.23 3.58
C PRO B 9 -16.01 2.07 4.57
N ASP B 10 -17.20 1.50 4.76
CA ASP B 10 -17.38 0.32 5.61
C ASP B 10 -16.68 -0.89 4.97
N SER B 11 -16.07 -1.69 5.82
CA SER B 11 -15.32 -2.87 5.38
C SER B 11 -15.15 -3.87 6.52
N LYS B 12 -14.92 -5.13 6.17
CA LYS B 12 -14.71 -6.18 7.16
C LYS B 12 -13.27 -6.10 7.68
N PHE B 13 -12.36 -5.74 6.79
CA PHE B 13 -10.94 -5.61 7.10
C PHE B 13 -10.43 -4.20 6.80
N TYR B 14 -9.37 -3.81 7.49
CA TYR B 14 -8.68 -2.55 7.23
C TYR B 14 -7.18 -2.72 7.29
N LYS B 15 -6.48 -2.14 6.33
CA LYS B 15 -5.04 -1.99 6.41
C LYS B 15 -4.74 -0.77 7.25
N VAL B 16 -3.79 -0.93 8.18
CA VAL B 16 -3.25 0.17 8.97
C VAL B 16 -1.80 0.35 8.53
N GLU B 17 -1.54 1.48 7.86
CA GLU B 17 -0.20 1.83 7.41
C GLU B 17 0.37 2.88 8.35
N ALA B 18 1.52 2.59 8.96
CA ALA B 18 2.17 3.51 9.87
C ALA B 18 3.51 3.94 9.31
N ILE B 19 3.61 5.23 8.98
CA ILE B 19 4.87 5.84 8.53
C ILE B 19 5.55 6.47 9.75
N VAL B 20 6.58 5.80 10.26
CA VAL B 20 7.18 6.14 11.56
C VAL B 20 8.71 6.11 11.49
N ARG B 21 9.37 6.52 12.58
CA ARG B 21 10.84 6.52 12.66
C ARG B 21 11.42 5.10 12.58
N PRO B 22 12.57 4.93 11.90
CA PRO B 22 13.18 3.61 11.66
C PRO B 22 13.60 2.87 12.92
N TRP B 23 13.89 3.59 13.99
CA TRP B 23 14.36 2.99 15.23
C TRP B 23 13.22 2.61 16.18
N ARG B 24 11.99 2.78 15.72
CA ARG B 24 10.80 2.49 16.53
C ARG B 24 10.13 1.17 16.15
N ILE B 25 10.76 0.38 15.28
CA ILE B 25 10.21 -0.91 14.83
C ILE B 25 9.94 -1.84 16.01
N GLN B 26 10.99 -2.12 16.78
CA GLN B 26 10.91 -3.05 17.91
C GLN B 26 9.82 -2.68 18.92
N GLN B 27 9.75 -1.41 19.31
CA GLN B 27 8.74 -0.95 20.27
C GLN B 27 7.32 -1.10 19.75
N VAL B 28 7.09 -0.68 18.51
CA VAL B 28 5.79 -0.85 17.84
C VAL B 28 5.50 -2.35 17.72
N SER B 29 6.50 -3.10 17.25
CA SER B 29 6.41 -4.56 17.09
C SER B 29 5.98 -5.28 18.37
N SER B 30 6.71 -5.03 19.45
CA SER B 30 6.47 -5.69 20.74
C SER B 30 5.10 -5.35 21.30
N ALA B 31 4.73 -4.08 21.22
CA ALA B 31 3.45 -3.60 21.74
C ALA B 31 2.27 -4.25 21.02
N LEU B 32 2.41 -4.47 19.71
CA LEU B 32 1.39 -5.14 18.91
C LEU B 32 1.25 -6.61 19.30
N LEU B 33 2.38 -7.25 19.60
CA LEU B 33 2.40 -8.65 20.02
C LEU B 33 1.64 -8.87 21.34
N LYS B 34 1.66 -7.87 22.22
CA LYS B 34 0.94 -7.92 23.50
C LYS B 34 -0.58 -7.86 23.36
N ILE B 35 -1.05 -7.25 22.28
CA ILE B 35 -2.48 -7.15 22.01
C ILE B 35 -2.95 -8.19 20.97
N GLY B 36 -2.06 -9.12 20.63
CA GLY B 36 -2.40 -10.26 19.79
C GLY B 36 -2.21 -10.04 18.30
N ILE B 37 -1.30 -9.15 17.92
CA ILE B 37 -0.97 -8.91 16.51
C ILE B 37 0.50 -9.24 16.28
N ARG B 38 0.75 -10.36 15.60
CA ARG B 38 2.09 -10.94 15.53
C ARG B 38 2.83 -10.60 14.24
N GLY B 39 2.06 -10.37 13.17
CA GLY B 39 2.63 -10.24 11.83
C GLY B 39 2.60 -8.87 11.17
N VAL B 40 3.51 -8.00 11.59
CA VAL B 40 3.69 -6.70 10.94
C VAL B 40 4.70 -6.78 9.79
N THR B 41 4.39 -6.07 8.71
CA THR B 41 5.24 -5.97 7.51
C THR B 41 5.88 -4.58 7.46
N VAL B 42 7.18 -4.53 7.19
CA VAL B 42 7.96 -3.28 7.27
C VAL B 42 8.72 -3.00 5.97
N SER B 43 8.73 -1.74 5.54
CA SER B 43 9.54 -1.33 4.38
C SER B 43 10.15 0.06 4.52
N ASP B 44 11.22 0.31 3.77
CA ASP B 44 11.92 1.58 3.77
C ASP B 44 11.21 2.59 2.89
N VAL B 45 10.93 3.75 3.48
CA VAL B 45 10.35 4.88 2.76
C VAL B 45 11.10 6.17 3.10
N ARG B 46 11.03 7.15 2.20
CA ARG B 46 11.73 8.40 2.37
C ARG B 46 10.76 9.58 2.33
N GLY B 47 10.92 10.52 3.27
CA GLY B 47 10.12 11.74 3.27
C GLY B 47 10.93 12.92 2.78
N PHE B 48 10.26 14.06 2.60
CA PHE B 48 10.95 15.31 2.28
C PHE B 48 10.83 16.29 3.44
N ASP B 66 20.41 16.42 -2.88
CA ASP B 66 19.04 15.98 -2.64
C ASP B 66 18.88 15.26 -1.29
N LYS B 67 18.18 15.90 -0.37
CA LYS B 67 18.06 15.43 1.01
C LYS B 67 16.74 14.68 1.27
N PHE B 68 16.80 13.67 2.12
CA PHE B 68 15.64 12.83 2.45
C PHE B 68 15.56 12.59 3.96
N VAL B 69 14.36 12.30 4.44
CA VAL B 69 14.16 11.81 5.81
C VAL B 69 13.82 10.31 5.75
N ALA B 70 14.63 9.49 6.40
CA ALA B 70 14.39 8.05 6.43
C ALA B 70 13.25 7.72 7.39
N LYS B 71 12.27 6.96 6.88
CA LYS B 71 11.16 6.44 7.69
C LYS B 71 10.87 4.98 7.32
N VAL B 72 10.07 4.30 8.12
CA VAL B 72 9.63 2.95 7.78
C VAL B 72 8.12 2.86 7.75
N LYS B 73 7.59 2.27 6.68
CA LYS B 73 6.18 1.94 6.60
C LYS B 73 5.93 0.59 7.27
N MET B 74 5.04 0.58 8.26
CA MET B 74 4.63 -0.65 8.93
C MET B 74 3.19 -0.98 8.55
N GLU B 75 2.99 -2.16 7.98
CA GLU B 75 1.68 -2.53 7.45
C GLU B 75 1.08 -3.71 8.20
N ILE B 76 -0.17 -3.54 8.60
CA ILE B 76 -0.90 -4.61 9.25
C ILE B 76 -2.36 -4.57 8.84
N VAL B 77 -2.91 -5.75 8.53
CA VAL B 77 -4.31 -5.87 8.14
C VAL B 77 -5.05 -6.61 9.25
N VAL B 78 -6.14 -6.01 9.71
CA VAL B 78 -6.86 -6.49 10.87
C VAL B 78 -8.37 -6.39 10.66
N LYS B 79 -9.13 -7.05 11.52
CA LYS B 79 -10.59 -6.94 11.50
C LYS B 79 -10.99 -5.53 11.89
N LYS B 80 -12.18 -5.12 11.46
CA LYS B 80 -12.70 -3.78 11.76
C LYS B 80 -12.57 -3.42 13.25
N ASP B 81 -13.09 -4.31 14.11
CA ASP B 81 -13.16 -4.02 15.54
C ASP B 81 -11.80 -3.95 16.27
N GLN B 82 -10.72 -4.18 15.55
CA GLN B 82 -9.35 -4.11 16.09
C GLN B 82 -8.60 -2.82 15.75
N VAL B 83 -9.15 -2.02 14.83
CA VAL B 83 -8.45 -0.86 14.27
C VAL B 83 -8.08 0.20 15.31
N GLU B 84 -9.04 0.56 16.17
CA GLU B 84 -8.80 1.54 17.24
C GLU B 84 -7.64 1.12 18.14
N SER B 85 -7.70 -0.15 18.56
CA SER B 85 -6.70 -0.73 19.44
C SER B 85 -5.32 -0.77 18.77
N VAL B 86 -5.30 -1.01 17.46
CA VAL B 86 -4.06 -1.04 16.68
C VAL B 86 -3.45 0.36 16.48
N ILE B 87 -4.30 1.37 16.27
CA ILE B 87 -3.82 2.76 16.18
C ILE B 87 -3.12 3.16 17.47
N ASN B 88 -3.80 2.92 18.60
CA ASN B 88 -3.29 3.21 19.94
C ASN B 88 -1.95 2.56 20.23
N THR B 89 -1.86 1.27 19.94
CA THR B 89 -0.66 0.46 20.21
C THR B 89 0.56 0.94 19.43
N ILE B 90 0.34 1.30 18.16
CA ILE B 90 1.39 1.85 17.31
C ILE B 90 1.87 3.19 17.86
N ILE B 91 0.93 4.06 18.25
CA ILE B 91 1.28 5.36 18.82
C ILE B 91 2.20 5.18 20.05
N GLU B 92 1.78 4.30 20.96
CA GLU B 92 2.58 3.93 22.14
C GLU B 92 4.01 3.53 21.80
N GLY B 93 4.18 2.70 20.76
CA GLY B 93 5.51 2.23 20.37
C GLY B 93 6.31 3.22 19.56
N ALA B 94 5.63 4.16 18.91
CA ALA B 94 6.29 5.05 17.94
C ALA B 94 6.46 6.50 18.39
N ARG B 95 5.60 6.98 19.30
CA ARG B 95 5.65 8.39 19.71
C ARG B 95 6.92 8.77 20.50
N THR B 96 7.57 9.85 20.10
CA THR B 96 8.71 10.40 20.82
C THR B 96 8.40 11.78 21.42
N GLY B 97 7.43 12.46 20.83
CA GLY B 97 7.11 13.84 21.18
C GLY B 97 7.73 14.82 20.20
N GLU B 98 8.78 14.39 19.52
CA GLU B 98 9.49 15.23 18.54
C GLU B 98 8.70 15.36 17.24
N ILE B 99 8.88 16.50 16.57
CA ILE B 99 8.39 16.72 15.21
C ILE B 99 9.04 15.65 14.33
N GLY B 100 8.21 14.91 13.60
CA GLY B 100 8.70 13.84 12.71
C GLY B 100 8.36 12.44 13.18
N ASP B 101 7.35 12.33 14.05
CA ASP B 101 6.89 11.04 14.56
C ASP B 101 6.14 10.22 13.52
N GLY B 102 5.68 10.88 12.47
CA GLY B 102 4.98 10.22 11.38
C GLY B 102 3.47 10.27 11.48
N LYS B 103 2.82 9.50 10.61
CA LYS B 103 1.37 9.48 10.48
C LYS B 103 0.89 8.04 10.32
N ILE B 104 -0.38 7.80 10.65
CA ILE B 104 -1.00 6.50 10.44
C ILE B 104 -2.18 6.66 9.48
N PHE B 105 -2.22 5.81 8.45
CA PHE B 105 -3.34 5.78 7.52
C PHE B 105 -4.14 4.47 7.66
N VAL B 106 -5.46 4.59 7.60
CA VAL B 106 -6.35 3.42 7.64
C VAL B 106 -7.05 3.26 6.28
N LEU B 107 -6.80 2.14 5.61
CA LEU B 107 -7.40 1.87 4.29
C LEU B 107 -8.22 0.59 4.35
N PRO B 108 -9.44 0.60 3.75
CA PRO B 108 -10.28 -0.60 3.75
C PRO B 108 -9.69 -1.72 2.90
N VAL B 109 -9.76 -2.95 3.42
CA VAL B 109 -9.32 -4.15 2.70
C VAL B 109 -10.54 -5.04 2.42
N SER B 110 -10.80 -5.29 1.13
CA SER B 110 -11.97 -6.04 0.67
C SER B 110 -11.92 -7.51 1.05
N ASP B 111 -10.72 -8.08 0.98
CA ASP B 111 -10.53 -9.49 1.27
C ASP B 111 -9.07 -9.82 1.59
N VAL B 112 -8.90 -10.86 2.41
CA VAL B 112 -7.59 -11.40 2.78
C VAL B 112 -7.56 -12.89 2.44
N ILE B 113 -6.50 -13.31 1.74
CA ILE B 113 -6.31 -14.69 1.33
C ILE B 113 -4.96 -15.23 1.83
N ARG B 114 -4.98 -16.40 2.46
CA ARG B 114 -3.75 -17.11 2.79
C ARG B 114 -3.26 -17.89 1.57
N VAL B 115 -2.04 -17.61 1.11
CA VAL B 115 -1.49 -18.20 -0.13
C VAL B 115 -1.41 -19.72 -0.05
N ARG B 116 -0.88 -20.22 1.07
CA ARG B 116 -0.60 -21.65 1.27
C ARG B 116 -1.85 -22.52 1.21
N THR B 117 -2.95 -22.04 1.80
CA THR B 117 -4.16 -22.84 1.96
C THR B 117 -5.32 -22.39 1.05
N GLY B 118 -5.32 -21.14 0.62
CA GLY B 118 -6.42 -20.57 -0.17
C GLY B 118 -7.55 -20.03 0.68
N GLU B 119 -7.39 -20.07 1.99
CA GLU B 119 -8.38 -19.60 2.96
C GLU B 119 -8.60 -18.10 2.82
N ARG B 120 -9.86 -17.69 2.94
CA ARG B 120 -10.26 -16.28 2.77
C ARG B 120 -11.10 -15.81 3.95
N GLY B 121 -11.03 -14.52 4.24
CA GLY B 121 -11.83 -13.93 5.29
C GLY B 121 -11.16 -14.08 6.63
N GLU B 122 -11.95 -14.35 7.67
CA GLU B 122 -11.46 -14.48 9.06
C GLU B 122 -10.45 -15.60 9.27
N LYS B 123 -10.65 -16.72 8.57
CA LYS B 123 -9.75 -17.88 8.68
C LYS B 123 -8.46 -17.68 7.88
N ALA B 124 -8.06 -16.42 7.71
CA ALA B 124 -6.92 -16.04 6.88
C ALA B 124 -6.17 -14.82 7.40
N GLU B 125 -6.81 -14.03 8.26
CA GLU B 125 -6.24 -12.78 8.76
C GLU B 125 -5.03 -12.98 9.67
N LYS B 126 -5.11 -13.97 10.57
CA LYS B 126 -4.05 -14.22 11.55
C LYS B 126 -2.77 -14.66 10.86
N MET B 127 -1.65 -14.05 11.25
CA MET B 127 -0.34 -14.45 10.74
C MET B 127 0.10 -15.73 11.44
N THR B 128 0.40 -16.75 10.63
CA THR B 128 0.72 -18.09 11.13
C THR B 128 2.14 -18.52 10.75
N GLY B 129 3.06 -17.56 10.76
CA GLY B 129 4.47 -17.84 10.53
C GLY B 129 5.21 -18.13 11.82
N ASP B 130 6.42 -18.66 11.70
CA ASP B 130 7.29 -18.92 12.87
C ASP B 130 7.79 -17.61 13.50
N MET B 131 8.16 -17.69 14.79
CA MET B 131 8.71 -16.53 15.50
C MET B 131 10.24 -16.47 15.36
N SER C 4 -15.12 12.11 -13.71
CA SER C 4 -15.92 12.41 -12.49
C SER C 4 -15.04 12.85 -11.30
N SER C 5 -15.69 13.20 -10.19
CA SER C 5 -15.01 13.69 -8.99
C SER C 5 -15.62 13.11 -7.71
N ASP C 6 -16.86 12.61 -7.82
CA ASP C 6 -17.47 11.86 -6.75
C ASP C 6 -16.99 10.40 -6.85
N TYR C 7 -15.72 10.20 -6.48
CA TYR C 7 -15.05 8.90 -6.52
C TYR C 7 -15.78 7.84 -5.70
N ILE C 8 -15.61 6.59 -6.12
CA ILE C 8 -16.21 5.43 -5.45
C ILE C 8 -15.08 4.46 -5.06
N PRO C 9 -15.05 4.01 -3.80
CA PRO C 9 -15.97 4.34 -2.71
C PRO C 9 -15.81 5.79 -2.26
N ASP C 10 -16.87 6.36 -1.72
CA ASP C 10 -16.79 7.67 -1.09
C ASP C 10 -15.91 7.58 0.16
N SER C 11 -15.09 8.62 0.36
CA SER C 11 -14.19 8.68 1.50
C SER C 11 -13.84 10.15 1.75
N LYS C 12 -13.49 10.48 2.99
CA LYS C 12 -13.06 11.84 3.29
C LYS C 12 -11.64 12.06 2.80
N PHE C 13 -10.84 10.98 2.82
CA PHE C 13 -9.45 11.01 2.43
C PHE C 13 -9.15 10.00 1.34
N TYR C 14 -8.11 10.27 0.56
CA TYR C 14 -7.67 9.38 -0.50
C TYR C 14 -6.16 9.35 -0.56
N LYS C 15 -5.62 8.18 -0.88
CA LYS C 15 -4.21 8.01 -1.15
C LYS C 15 -4.04 8.17 -2.65
N VAL C 16 -3.14 9.08 -3.04
CA VAL C 16 -2.74 9.17 -4.44
C VAL C 16 -1.39 8.49 -4.56
N GLU C 17 -1.37 7.38 -5.28
CA GLU C 17 -0.20 6.51 -5.37
C GLU C 17 0.32 6.58 -6.80
N ALA C 18 1.54 7.06 -6.95
CA ALA C 18 2.11 7.29 -8.27
C ALA C 18 3.31 6.39 -8.48
N ILE C 19 3.31 5.65 -9.58
CA ILE C 19 4.48 4.85 -9.91
C ILE C 19 5.11 5.55 -11.08
N VAL C 20 6.26 6.17 -10.83
CA VAL C 20 6.88 7.07 -11.79
C VAL C 20 8.36 6.77 -11.93
N ARG C 21 8.99 7.37 -12.93
CA ARG C 21 10.44 7.26 -13.14
C ARG C 21 11.20 7.82 -11.93
N PRO C 22 12.29 7.13 -11.51
CA PRO C 22 13.14 7.57 -10.39
C PRO C 22 13.71 8.98 -10.52
N TRP C 23 14.00 9.40 -11.75
CA TRP C 23 14.62 10.72 -11.99
C TRP C 23 13.63 11.90 -12.07
N ARG C 24 12.34 11.60 -11.90
CA ARG C 24 11.32 12.65 -11.84
C ARG C 24 10.85 12.91 -10.40
N ILE C 25 11.55 12.36 -9.42
CA ILE C 25 11.21 12.53 -8.00
C ILE C 25 11.10 13.99 -7.59
N GLN C 26 12.14 14.77 -7.86
CA GLN C 26 12.21 16.18 -7.46
C GLN C 26 11.22 17.06 -8.24
N GLN C 27 11.09 16.79 -9.54
CA GLN C 27 10.16 17.51 -10.40
C GLN C 27 8.70 17.40 -9.93
N VAL C 28 8.29 16.20 -9.52
CA VAL C 28 6.95 15.98 -8.97
C VAL C 28 6.83 16.63 -7.59
N SER C 29 7.81 16.40 -6.73
CA SER C 29 7.88 17.00 -5.39
C SER C 29 7.80 18.54 -5.41
N SER C 30 8.57 19.17 -6.29
CA SER C 30 8.58 20.64 -6.43
C SER C 30 7.24 21.18 -6.89
N ALA C 31 6.65 20.52 -7.89
CA ALA C 31 5.35 20.91 -8.43
C ALA C 31 4.26 20.79 -7.37
N LEU C 32 4.34 19.73 -6.56
CA LEU C 32 3.40 19.55 -5.44
C LEU C 32 3.57 20.62 -4.37
N LEU C 33 4.82 21.08 -4.18
CA LEU C 33 5.12 22.17 -3.26
C LEU C 33 4.50 23.49 -3.75
N LYS C 34 4.53 23.70 -5.06
CA LYS C 34 3.96 24.90 -5.69
C LYS C 34 2.44 25.05 -5.52
N ILE C 35 1.76 23.97 -5.12
CA ILE C 35 0.34 24.04 -4.76
C ILE C 35 0.15 23.84 -3.25
N GLY C 36 1.25 23.80 -2.52
CA GLY C 36 1.23 23.84 -1.06
C GLY C 36 1.13 22.49 -0.37
N ILE C 37 1.21 21.41 -1.13
CA ILE C 37 1.12 20.07 -0.56
C ILE C 37 2.50 19.50 -0.20
N ARG C 38 2.70 19.29 1.09
CA ARG C 38 3.94 18.71 1.64
C ARG C 38 3.67 17.31 2.20
N GLY C 39 4.74 16.59 2.49
CA GLY C 39 4.60 15.25 3.11
C GLY C 39 4.41 14.09 2.14
N VAL C 40 5.17 14.10 1.05
CA VAL C 40 5.19 12.98 0.11
C VAL C 40 6.10 11.92 0.70
N THR C 41 5.68 10.65 0.61
CA THR C 41 6.56 9.54 0.97
C THR C 41 6.98 8.81 -0.31
N VAL C 42 8.27 8.49 -0.41
CA VAL C 42 8.83 7.85 -1.60
C VAL C 42 9.52 6.52 -1.29
N SER C 43 9.26 5.51 -2.09
CA SER C 43 9.93 4.21 -1.96
C SER C 43 10.28 3.63 -3.32
N ASP C 44 11.35 2.83 -3.35
CA ASP C 44 11.83 2.20 -4.57
C ASP C 44 11.06 0.92 -4.85
N VAL C 45 10.57 0.82 -6.08
CA VAL C 45 9.89 -0.38 -6.54
C VAL C 45 10.54 -0.82 -7.86
N ARG C 46 10.06 -1.91 -8.43
CA ARG C 46 10.59 -2.37 -9.71
C ARG C 46 9.54 -3.15 -10.50
N GLY C 47 9.44 -2.87 -11.78
CA GLY C 47 8.54 -3.58 -12.68
C GLY C 47 9.35 -4.45 -13.61
N PHE C 48 8.66 -5.13 -14.53
CA PHE C 48 9.35 -6.00 -15.50
C PHE C 48 9.40 -5.35 -16.88
N ASP C 66 16.70 -12.35 -14.08
CA ASP C 66 16.17 -11.39 -13.10
C ASP C 66 16.25 -9.95 -13.64
N LYS C 67 15.52 -9.66 -14.72
CA LYS C 67 15.49 -8.32 -15.33
C LYS C 67 14.35 -7.44 -14.80
N PHE C 68 14.70 -6.21 -14.42
CA PHE C 68 13.73 -5.25 -13.86
C PHE C 68 13.89 -3.84 -14.43
N VAL C 69 12.87 -3.03 -14.21
CA VAL C 69 12.91 -1.59 -14.49
C VAL C 69 12.75 -0.85 -13.17
N ALA C 70 13.70 0.00 -12.83
CA ALA C 70 13.65 0.79 -11.58
C ALA C 70 12.55 1.87 -11.65
N LYS C 71 11.69 1.86 -10.64
CA LYS C 71 10.64 2.88 -10.49
C LYS C 71 10.56 3.39 -9.07
N VAL C 72 9.82 4.48 -8.89
CA VAL C 72 9.64 5.06 -7.59
C VAL C 72 8.15 5.23 -7.32
N LYS C 73 7.70 4.68 -6.19
CA LYS C 73 6.34 4.86 -5.72
C LYS C 73 6.24 6.10 -4.83
N MET C 74 5.40 7.06 -5.23
CA MET C 74 5.21 8.29 -4.46
C MET C 74 3.81 8.30 -3.85
N GLU C 75 3.74 8.42 -2.52
CA GLU C 75 2.46 8.40 -1.82
C GLU C 75 2.21 9.70 -1.07
N ILE C 76 0.98 10.21 -1.19
CA ILE C 76 0.53 11.37 -0.44
C ILE C 76 -0.96 11.15 -0.20
N VAL C 77 -1.39 11.32 1.05
CA VAL C 77 -2.79 11.19 1.41
C VAL C 77 -3.39 12.59 1.58
N VAL C 78 -4.54 12.81 0.96
CA VAL C 78 -5.13 14.14 0.84
C VAL C 78 -6.63 14.08 1.06
N LYS C 79 -7.24 15.24 1.27
CA LYS C 79 -8.71 15.36 1.27
C LYS C 79 -9.25 15.10 -0.13
N LYS C 80 -10.52 14.69 -0.20
CA LYS C 80 -11.20 14.42 -1.46
C LYS C 80 -11.10 15.57 -2.45
N ASP C 81 -11.21 16.81 -1.95
CA ASP C 81 -11.23 18.00 -2.81
C ASP C 81 -9.85 18.44 -3.31
N GLN C 82 -8.82 17.67 -2.94
CA GLN C 82 -7.45 17.95 -3.37
C GLN C 82 -6.97 17.01 -4.46
N VAL C 83 -7.69 15.90 -4.64
CA VAL C 83 -7.26 14.78 -5.48
C VAL C 83 -6.96 15.20 -6.92
N GLU C 84 -7.81 16.04 -7.51
CA GLU C 84 -7.65 16.44 -8.91
C GLU C 84 -6.39 17.28 -9.18
N SER C 85 -6.10 18.22 -8.28
CA SER C 85 -4.86 19.01 -8.37
C SER C 85 -3.63 18.14 -8.21
N VAL C 86 -3.67 17.22 -7.25
CA VAL C 86 -2.54 16.31 -7.00
C VAL C 86 -2.26 15.47 -8.25
N ILE C 87 -3.29 14.82 -8.78
CA ILE C 87 -3.19 14.04 -10.02
C ILE C 87 -2.54 14.85 -11.14
N ASN C 88 -3.11 16.03 -11.42
CA ASN C 88 -2.60 16.92 -12.45
C ASN C 88 -1.16 17.36 -12.24
N THR C 89 -0.79 17.57 -10.99
CA THR C 89 0.53 18.06 -10.64
C THR C 89 1.59 16.97 -10.73
N ILE C 90 1.20 15.75 -10.35
CA ILE C 90 2.08 14.60 -10.53
C ILE C 90 2.30 14.38 -12.03
N ILE C 91 1.24 14.43 -12.83
CA ILE C 91 1.38 14.28 -14.29
C ILE C 91 2.38 15.29 -14.84
N GLU C 92 2.15 16.57 -14.51
CA GLU C 92 3.00 17.69 -14.89
C GLU C 92 4.48 17.42 -14.61
N GLY C 93 4.78 16.93 -13.41
CA GLY C 93 6.15 16.66 -13.00
C GLY C 93 6.71 15.31 -13.45
N ALA C 94 5.82 14.39 -13.83
CA ALA C 94 6.24 13.01 -14.17
C ALA C 94 6.28 12.71 -15.66
N ARG C 95 5.43 13.38 -16.43
CA ARG C 95 5.30 13.11 -17.86
C ARG C 95 6.57 13.49 -18.62
N THR C 96 7.10 12.53 -19.39
CA THR C 96 8.21 12.79 -20.30
C THR C 96 7.72 12.66 -21.74
N GLY C 97 6.62 11.94 -21.92
CA GLY C 97 6.04 11.70 -23.24
C GLY C 97 6.28 10.29 -23.75
N GLU C 98 7.21 9.60 -23.11
CA GLU C 98 7.65 8.25 -23.52
C GLU C 98 6.89 7.14 -22.80
N ILE C 99 6.86 5.96 -23.41
CA ILE C 99 6.34 4.76 -22.74
C ILE C 99 7.23 4.43 -21.53
N GLY C 100 6.59 4.14 -20.40
CA GLY C 100 7.28 3.88 -19.15
C GLY C 100 7.08 4.99 -18.11
N ASP C 101 6.27 5.99 -18.46
CA ASP C 101 5.99 7.17 -17.61
C ASP C 101 5.28 6.83 -16.30
N GLY C 102 4.56 5.71 -16.29
CA GLY C 102 3.93 5.20 -15.08
C GLY C 102 2.43 5.42 -14.99
N LYS C 103 1.87 5.10 -13.82
CA LYS C 103 0.44 5.24 -13.56
C LYS C 103 0.21 5.89 -12.19
N ILE C 104 -1.02 6.37 -11.98
CA ILE C 104 -1.43 6.95 -10.72
C ILE C 104 -2.71 6.28 -10.24
N PHE C 105 -2.71 5.82 -8.99
CA PHE C 105 -3.88 5.17 -8.41
C PHE C 105 -4.45 6.00 -7.28
N VAL C 106 -5.78 6.09 -7.24
CA VAL C 106 -6.49 6.81 -6.20
C VAL C 106 -7.21 5.78 -5.34
N LEU C 107 -6.80 5.68 -4.07
CA LEU C 107 -7.38 4.71 -3.14
C LEU C 107 -8.02 5.41 -1.96
N PRO C 108 -9.21 4.94 -1.53
CA PRO C 108 -9.89 5.54 -0.38
C PRO C 108 -9.15 5.30 0.94
N VAL C 109 -9.12 6.33 1.79
CA VAL C 109 -8.51 6.27 3.11
C VAL C 109 -9.55 6.64 4.17
N SER C 110 -9.78 5.73 5.11
CA SER C 110 -10.82 5.89 6.13
C SER C 110 -10.44 6.88 7.22
N ASP C 111 -9.14 6.98 7.50
CA ASP C 111 -8.67 7.82 8.58
C ASP C 111 -7.18 8.13 8.50
N VAL C 112 -6.84 9.33 8.97
CA VAL C 112 -5.44 9.78 9.11
C VAL C 112 -5.21 10.16 10.57
N ILE C 113 -4.11 9.68 11.14
CA ILE C 113 -3.79 9.96 12.54
C ILE C 113 -2.35 10.42 12.61
N ARG C 114 -2.13 11.55 13.28
CA ARG C 114 -0.79 12.09 13.48
C ARG C 114 -0.21 11.46 14.74
N VAL C 115 0.95 10.82 14.62
CA VAL C 115 1.52 10.04 15.73
C VAL C 115 1.87 10.92 16.94
N ARG C 116 2.57 12.03 16.68
CA ARG C 116 2.97 12.98 17.73
C ARG C 116 1.82 13.46 18.62
N THR C 117 0.71 13.85 17.99
CA THR C 117 -0.37 14.55 18.69
C THR C 117 -1.63 13.72 18.92
N GLY C 118 -1.80 12.67 18.13
CA GLY C 118 -2.98 11.80 18.22
C GLY C 118 -4.18 12.37 17.47
N GLU C 119 -3.95 13.45 16.74
CA GLU C 119 -4.99 14.14 15.97
C GLU C 119 -5.49 13.30 14.79
N ARG C 120 -6.79 13.11 14.73
CA ARG C 120 -7.44 12.36 13.65
C ARG C 120 -8.13 13.31 12.67
N GLY C 121 -8.44 12.81 11.48
CA GLY C 121 -9.24 13.54 10.49
C GLY C 121 -8.53 14.76 9.93
N GLU C 122 -9.24 15.89 9.91
CA GLU C 122 -8.74 17.12 9.29
C GLU C 122 -7.65 17.83 10.09
N LYS C 123 -7.68 17.68 11.41
CA LYS C 123 -6.64 18.25 12.27
C LYS C 123 -5.27 17.56 12.14
N ALA C 124 -5.21 16.52 11.31
CA ALA C 124 -3.96 15.81 11.02
C ALA C 124 -3.36 16.26 9.70
#